data_1DQY
#
_entry.id   1DQY
#
_cell.length_a   128.800
_cell.length_b   67.808
_cell.length_c   39.765
_cell.angle_alpha   90.00
_cell.angle_beta   102.73
_cell.angle_gamma   90.00
#
_symmetry.space_group_name_H-M   'C 1 2 1'
#
loop_
_entity.id
_entity.type
_entity.pdbx_description
1 polymer 'PROTEIN (ANTIGEN 85-C)'
2 non-polymer 'DIETHYL PHOSPHONATE'
3 non-polymer (4R)-2-METHYLPENTANE-2,4-DIOL
4 water water
#
_entity_poly.entity_id   1
_entity_poly.type   'polypeptide(L)'
_entity_poly.pdbx_seq_one_letter_code
;MFSRPGLPVEYLQVPSASMGRDIKVQFQGGGPHAVYLLDGLRAQDDYNGWDINTPAFEEYYQSGLSVIMPVGGQSSFYTD
WYQPSQSNGQNYTYKWETFLTREMPAWLQANKGVSPTGNAAVGLSMSGGSALILAAYYPQQFPYAASLSGFLNPSESWWP
TLIGLAMNDSGGYNANSMWGPSSDPAWKRNDPMVQIPRLVANNTRIWVYCGNGTPSDLGGDNIPAKFLEGLTLRTNQTFR
DTYAADGGRNGVFNFPPNGTHSWPYWNEQLVAMKADIQHVLNG
;
_entity_poly.pdbx_strand_id   A
#
# COMPACT_ATOMS: atom_id res chain seq x y z
N MET A 1 16.18 11.59 -6.26
CA MET A 1 15.94 10.37 -5.41
C MET A 1 16.81 10.41 -4.17
N PHE A 2 16.38 9.72 -3.13
CA PHE A 2 17.13 9.67 -1.88
C PHE A 2 18.05 8.46 -1.88
N SER A 3 17.96 7.67 -2.96
CA SER A 3 18.78 6.47 -3.11
C SER A 3 20.19 6.88 -3.55
N ARG A 4 20.75 7.86 -2.85
CA ARG A 4 22.09 8.37 -3.16
C ARG A 4 23.17 7.29 -3.22
N PRO A 5 24.33 7.63 -3.80
CA PRO A 5 25.46 6.69 -3.92
C PRO A 5 25.80 6.06 -2.57
N GLY A 6 26.23 4.80 -2.62
CA GLY A 6 26.57 4.10 -1.39
C GLY A 6 25.51 3.06 -1.13
N LEU A 7 24.25 3.42 -1.40
CA LEU A 7 23.16 2.49 -1.20
C LEU A 7 23.11 1.54 -2.38
N PRO A 8 23.14 0.23 -2.12
CA PRO A 8 23.11 -0.80 -3.15
C PRO A 8 21.72 -1.00 -3.77
N VAL A 9 21.14 0.08 -4.27
CA VAL A 9 19.81 -0.01 -4.87
C VAL A 9 19.88 -0.42 -6.34
N GLU A 10 19.18 -1.50 -6.66
CA GLU A 10 19.16 -2.00 -8.02
C GLU A 10 17.82 -1.70 -8.67
N TYR A 11 17.84 -1.63 -10.00
CA TYR A 11 16.65 -1.35 -10.79
C TYR A 11 16.41 -2.60 -11.60
N LEU A 12 15.41 -3.37 -11.18
CA LEU A 12 15.09 -4.63 -11.82
C LEU A 12 13.91 -4.58 -12.77
N GLN A 13 13.97 -5.38 -13.82
CA GLN A 13 12.90 -5.50 -14.78
C GLN A 13 12.32 -6.87 -14.48
N VAL A 14 11.15 -6.89 -13.86
CA VAL A 14 10.49 -8.14 -13.49
C VAL A 14 9.28 -8.39 -14.39
N PRO A 15 9.36 -9.42 -15.25
CA PRO A 15 8.27 -9.76 -16.16
C PRO A 15 6.99 -10.10 -15.42
N SER A 16 5.87 -9.59 -15.94
CA SER A 16 4.57 -9.88 -15.37
C SER A 16 3.78 -10.57 -16.47
N ALA A 17 3.65 -11.89 -16.37
CA ALA A 17 2.92 -12.65 -17.37
C ALA A 17 1.47 -12.22 -17.41
N SER A 18 0.90 -11.93 -16.23
CA SER A 18 -0.49 -11.51 -16.14
C SER A 18 -0.77 -10.18 -16.81
N MET A 19 0.19 -9.25 -16.74
CA MET A 19 -0.02 -7.94 -17.34
C MET A 19 0.65 -7.81 -18.71
N GLY A 20 1.35 -8.84 -19.14
CA GLY A 20 1.99 -8.83 -20.44
C GLY A 20 3.05 -7.75 -20.61
N ARG A 21 3.71 -7.38 -19.52
CA ARG A 21 4.76 -6.37 -19.58
C ARG A 21 5.72 -6.53 -18.41
N ASP A 22 6.87 -5.87 -18.52
CA ASP A 22 7.88 -5.93 -17.48
C ASP A 22 7.62 -4.83 -16.46
N ILE A 23 7.71 -5.18 -15.19
CA ILE A 23 7.48 -4.22 -14.13
C ILE A 23 8.82 -3.83 -13.51
N LYS A 24 9.10 -2.54 -13.48
CA LYS A 24 10.34 -2.05 -12.91
C LYS A 24 10.23 -2.13 -11.39
N VAL A 25 11.29 -2.57 -10.74
CA VAL A 25 11.30 -2.69 -9.28
C VAL A 25 12.61 -2.17 -8.70
N GLN A 26 12.51 -1.23 -7.77
CA GLN A 26 13.68 -0.69 -7.11
C GLN A 26 13.90 -1.63 -5.93
N PHE A 27 15.11 -2.19 -5.85
CA PHE A 27 15.40 -3.17 -4.83
C PHE A 27 16.70 -2.95 -4.07
N GLN A 28 16.64 -3.17 -2.76
CA GLN A 28 17.82 -3.05 -1.92
C GLN A 28 17.90 -4.31 -1.07
N GLY A 29 18.86 -5.17 -1.38
CA GLY A 29 19.02 -6.40 -0.64
C GLY A 29 19.61 -6.17 0.73
N GLY A 30 19.12 -6.90 1.72
CA GLY A 30 19.63 -6.74 3.06
C GLY A 30 19.13 -7.82 3.99
N GLY A 31 18.60 -8.90 3.41
CA GLY A 31 18.09 -9.98 4.22
C GLY A 31 17.02 -10.78 3.49
N PRO A 32 16.69 -11.99 3.97
CA PRO A 32 15.68 -12.84 3.35
C PRO A 32 14.25 -12.29 3.43
N HIS A 33 13.98 -11.47 4.44
CA HIS A 33 12.66 -10.89 4.58
C HIS A 33 12.71 -9.46 4.10
N ALA A 34 11.62 -9.00 3.50
CA ALA A 34 11.60 -7.66 2.93
C ALA A 34 10.38 -6.83 3.29
N VAL A 35 10.56 -5.52 3.13
CA VAL A 35 9.50 -4.56 3.37
C VAL A 35 9.06 -4.13 1.98
N TYR A 36 7.81 -4.40 1.65
CA TYR A 36 7.26 -4.02 0.37
C TYR A 36 6.72 -2.61 0.55
N LEU A 37 7.37 -1.64 -0.07
CA LEU A 37 6.93 -0.25 0.05
C LEU A 37 6.06 0.11 -1.15
N LEU A 38 4.75 0.18 -0.90
CA LEU A 38 3.79 0.50 -1.95
C LEU A 38 3.63 2.00 -2.13
N ASP A 39 3.45 2.40 -3.37
CA ASP A 39 3.32 3.80 -3.74
C ASP A 39 1.92 4.38 -3.57
N GLY A 40 1.80 5.67 -3.82
CA GLY A 40 0.54 6.36 -3.72
C GLY A 40 -0.24 6.36 -5.03
N LEU A 41 -1.39 7.02 -5.01
CA LEU A 41 -2.28 7.11 -6.16
C LEU A 41 -1.63 7.54 -7.48
N ARG A 42 -0.71 8.49 -7.39
CA ARG A 42 -0.05 9.01 -8.59
C ARG A 42 1.30 8.35 -8.90
N ALA A 43 1.44 7.09 -8.50
CA ALA A 43 2.65 6.31 -8.72
C ALA A 43 3.18 6.52 -10.15
N GLN A 44 4.45 6.88 -10.24
CA GLN A 44 5.11 7.12 -11.52
C GLN A 44 5.76 5.85 -12.08
N ASP A 45 6.10 5.87 -13.36
CA ASP A 45 6.73 4.73 -13.99
C ASP A 45 8.24 4.74 -13.97
N ASP A 46 8.83 5.77 -13.37
CA ASP A 46 10.29 5.83 -13.29
C ASP A 46 10.81 5.45 -11.92
N TYR A 47 10.24 6.04 -10.88
CA TYR A 47 10.66 5.77 -9.51
C TYR A 47 9.46 5.70 -8.58
N ASN A 48 9.60 4.90 -7.53
CA ASN A 48 8.56 4.75 -6.53
C ASN A 48 8.55 6.02 -5.67
N GLY A 49 7.37 6.47 -5.28
CA GLY A 49 7.24 7.68 -4.48
C GLY A 49 8.05 7.70 -3.20
N TRP A 50 8.27 6.53 -2.61
CA TRP A 50 9.07 6.44 -1.39
C TRP A 50 10.50 6.88 -1.62
N ASP A 51 11.07 6.49 -2.77
CA ASP A 51 12.45 6.85 -3.08
C ASP A 51 12.54 8.32 -3.50
N ILE A 52 11.51 8.80 -4.17
CA ILE A 52 11.48 10.19 -4.61
C ILE A 52 11.38 11.16 -3.43
N ASN A 53 10.55 10.81 -2.45
CA ASN A 53 10.31 11.70 -1.32
C ASN A 53 10.92 11.39 0.03
N THR A 54 11.51 10.21 0.20
CA THR A 54 12.06 9.86 1.50
C THR A 54 13.35 9.06 1.41
N PRO A 55 14.10 9.01 2.51
CA PRO A 55 15.36 8.26 2.55
C PRO A 55 15.08 6.83 3.04
N ALA A 56 13.94 6.30 2.62
CA ALA A 56 13.49 4.95 3.01
C ALA A 56 14.59 3.90 2.86
N PHE A 57 15.23 3.85 1.70
CA PHE A 57 16.28 2.88 1.48
C PHE A 57 17.40 3.03 2.50
N GLU A 58 17.88 4.26 2.68
CA GLU A 58 18.95 4.53 3.63
C GLU A 58 18.53 4.17 5.05
N GLU A 59 17.29 4.51 5.39
CA GLU A 59 16.77 4.22 6.71
C GLU A 59 16.69 2.74 7.02
N TYR A 60 16.51 1.92 5.99
CA TYR A 60 16.43 0.49 6.20
C TYR A 60 17.70 -0.24 5.79
N TYR A 61 18.71 0.52 5.37
CA TYR A 61 19.99 -0.06 5.00
C TYR A 61 20.61 -0.69 6.24
N GLN A 62 21.01 -1.96 6.12
CA GLN A 62 21.60 -2.71 7.23
C GLN A 62 20.61 -2.96 8.36
N SER A 63 19.33 -2.95 8.03
CA SER A 63 18.28 -3.19 9.02
C SER A 63 18.04 -4.68 9.15
N GLY A 64 18.65 -5.46 8.26
CA GLY A 64 18.47 -6.90 8.28
C GLY A 64 17.28 -7.27 7.42
N LEU A 65 16.71 -6.27 6.75
CA LEU A 65 15.57 -6.45 5.89
C LEU A 65 15.85 -5.90 4.49
N SER A 66 15.34 -6.58 3.47
CA SER A 66 15.50 -6.10 2.11
C SER A 66 14.36 -5.10 1.92
N VAL A 67 14.50 -4.21 0.96
CA VAL A 67 13.46 -3.23 0.70
C VAL A 67 13.05 -3.37 -0.76
N ILE A 68 11.75 -3.52 -0.97
CA ILE A 68 11.20 -3.67 -2.31
C ILE A 68 10.28 -2.51 -2.64
N MET A 69 10.60 -1.80 -3.70
CA MET A 69 9.79 -0.68 -4.14
C MET A 69 9.33 -0.92 -5.57
N PRO A 70 8.13 -1.49 -5.74
CA PRO A 70 7.67 -1.71 -7.12
C PRO A 70 7.43 -0.35 -7.75
N VAL A 71 7.67 -0.24 -9.06
CA VAL A 71 7.47 1.02 -9.74
C VAL A 71 6.29 0.96 -10.69
N GLY A 72 5.45 1.98 -10.65
CA GLY A 72 4.29 2.05 -11.53
C GLY A 72 2.97 1.74 -10.84
N GLY A 73 1.95 1.47 -11.63
CA GLY A 73 0.64 1.15 -11.08
C GLY A 73 -0.21 2.33 -10.69
N GLN A 74 -0.10 3.43 -11.42
CA GLN A 74 -0.91 4.62 -11.11
C GLN A 74 -2.39 4.25 -10.96
N SER A 75 -2.98 4.70 -9.85
CA SER A 75 -4.39 4.47 -9.55
C SER A 75 -4.82 3.01 -9.59
N SER A 76 -3.87 2.09 -9.46
CA SER A 76 -4.18 0.66 -9.53
C SER A 76 -4.69 0.05 -8.23
N PHE A 77 -4.46 0.73 -7.11
CA PHE A 77 -4.83 0.22 -5.80
C PHE A 77 -4.19 -1.14 -5.55
N TYR A 78 -3.13 -1.42 -6.32
CA TYR A 78 -2.39 -2.67 -6.24
C TYR A 78 -3.31 -3.87 -6.14
N THR A 79 -4.32 -3.88 -7.00
CA THR A 79 -5.30 -4.94 -7.00
C THR A 79 -5.39 -5.53 -8.40
N ASP A 80 -6.12 -6.63 -8.53
CA ASP A 80 -6.31 -7.24 -9.84
C ASP A 80 -7.62 -6.68 -10.36
N TRP A 81 -7.55 -6.00 -11.51
CA TRP A 81 -8.72 -5.38 -12.10
C TRP A 81 -9.54 -6.37 -12.92
N TYR A 82 -10.81 -6.04 -13.11
CA TYR A 82 -11.70 -6.87 -13.90
C TYR A 82 -11.37 -6.73 -15.39
N GLN A 83 -10.95 -5.53 -15.79
CA GLN A 83 -10.65 -5.28 -17.19
C GLN A 83 -9.78 -4.03 -17.36
N PRO A 84 -9.30 -3.80 -18.60
CA PRO A 84 -8.47 -2.62 -18.85
C PRO A 84 -9.31 -1.38 -18.50
N SER A 85 -8.68 -0.37 -17.90
CA SER A 85 -9.40 0.83 -17.53
C SER A 85 -10.13 1.37 -18.76
N GLN A 86 -11.47 1.38 -18.68
CA GLN A 86 -12.27 1.85 -19.79
C GLN A 86 -12.42 3.36 -19.77
N SER A 87 -11.65 4.03 -20.63
CA SER A 87 -11.67 5.49 -20.76
C SER A 87 -10.33 6.09 -21.14
N ASN A 88 -9.26 5.69 -20.47
CA ASN A 88 -7.95 6.25 -20.75
C ASN A 88 -7.07 5.50 -21.75
N GLY A 89 -7.64 4.50 -22.42
CA GLY A 89 -6.88 3.76 -23.42
C GLY A 89 -5.93 2.68 -22.92
N GLN A 90 -6.00 2.33 -21.64
CA GLN A 90 -5.12 1.29 -21.12
C GLN A 90 -5.37 0.05 -21.98
N ASN A 91 -4.29 -0.51 -22.53
CA ASN A 91 -4.41 -1.67 -23.40
C ASN A 91 -4.18 -3.03 -22.76
N TYR A 92 -4.17 -3.07 -21.43
CA TYR A 92 -3.98 -4.31 -20.71
C TYR A 92 -4.71 -4.19 -19.39
N THR A 93 -4.84 -5.30 -18.68
CA THR A 93 -5.54 -5.27 -17.41
C THR A 93 -4.57 -5.30 -16.23
N TYR A 94 -4.73 -4.33 -15.33
CA TYR A 94 -3.90 -4.26 -14.13
C TYR A 94 -4.09 -5.55 -13.33
N LYS A 95 -2.99 -6.21 -12.97
CA LYS A 95 -3.05 -7.43 -12.18
C LYS A 95 -1.95 -7.29 -11.15
N TRP A 96 -2.02 -6.22 -10.37
CA TRP A 96 -1.00 -5.96 -9.38
C TRP A 96 -1.01 -6.86 -8.16
N GLU A 97 -2.15 -7.45 -7.83
CA GLU A 97 -2.17 -8.35 -6.70
C GLU A 97 -1.44 -9.61 -7.14
N THR A 98 -1.73 -10.06 -8.36
CA THR A 98 -1.05 -11.24 -8.90
C THR A 98 0.45 -10.96 -8.98
N PHE A 99 0.82 -9.74 -9.38
CA PHE A 99 2.24 -9.41 -9.48
C PHE A 99 2.93 -9.42 -8.11
N LEU A 100 2.33 -8.73 -7.16
CA LEU A 100 2.91 -8.63 -5.82
C LEU A 100 2.90 -9.89 -4.98
N THR A 101 1.93 -10.77 -5.21
CA THR A 101 1.83 -11.99 -4.41
C THR A 101 2.36 -13.23 -5.09
N ARG A 102 2.59 -13.17 -6.40
CA ARG A 102 3.08 -14.34 -7.10
C ARG A 102 4.27 -14.10 -8.02
N GLU A 103 4.09 -13.28 -9.03
CA GLU A 103 5.15 -13.03 -10.00
C GLU A 103 6.42 -12.40 -9.44
N MET A 104 6.28 -11.29 -8.71
CA MET A 104 7.46 -10.62 -8.16
C MET A 104 8.17 -11.44 -7.09
N PRO A 105 7.42 -11.97 -6.10
CA PRO A 105 8.09 -12.76 -5.07
C PRO A 105 8.79 -13.99 -5.65
N ALA A 106 8.19 -14.60 -6.67
CA ALA A 106 8.79 -15.77 -7.29
C ALA A 106 10.12 -15.37 -7.92
N TRP A 107 10.12 -14.24 -8.61
CA TRP A 107 11.32 -13.72 -9.27
C TRP A 107 12.43 -13.40 -8.26
N LEU A 108 12.07 -12.69 -7.20
CA LEU A 108 13.03 -12.30 -6.17
C LEU A 108 13.57 -13.50 -5.40
N GLN A 109 12.75 -14.53 -5.24
CA GLN A 109 13.19 -15.72 -4.53
C GLN A 109 14.23 -16.45 -5.38
N ALA A 110 13.86 -16.73 -6.62
CA ALA A 110 14.73 -17.45 -7.55
C ALA A 110 16.04 -16.73 -7.82
N ASN A 111 15.99 -15.42 -8.02
CA ASN A 111 17.17 -14.65 -8.35
C ASN A 111 17.94 -13.98 -7.22
N LYS A 112 17.24 -13.64 -6.13
CA LYS A 112 17.89 -12.95 -5.02
C LYS A 112 17.94 -13.76 -3.73
N GLY A 113 16.97 -14.65 -3.56
CA GLY A 113 16.93 -15.45 -2.35
C GLY A 113 16.02 -14.77 -1.34
N VAL A 114 15.20 -13.84 -1.80
CA VAL A 114 14.27 -13.15 -0.91
C VAL A 114 13.11 -14.11 -0.68
N SER A 115 12.79 -14.35 0.59
CA SER A 115 11.71 -15.25 0.94
C SER A 115 10.33 -14.70 0.56
N PRO A 116 9.50 -15.54 -0.06
CA PRO A 116 8.16 -15.13 -0.47
C PRO A 116 7.24 -15.01 0.75
N THR A 117 7.72 -15.48 1.89
CA THR A 117 6.92 -15.43 3.11
C THR A 117 7.62 -14.68 4.24
N GLY A 118 6.82 -14.22 5.22
CA GLY A 118 7.37 -13.51 6.36
C GLY A 118 7.84 -12.11 6.05
N ASN A 119 7.06 -11.39 5.24
CA ASN A 119 7.42 -10.03 4.85
C ASN A 119 6.41 -9.02 5.38
N ALA A 120 6.67 -7.75 5.10
CA ALA A 120 5.79 -6.69 5.54
C ALA A 120 5.34 -5.88 4.33
N ALA A 121 4.07 -5.51 4.31
CA ALA A 121 3.53 -4.70 3.23
C ALA A 121 3.22 -3.34 3.84
N VAL A 122 3.81 -2.29 3.30
CA VAL A 122 3.57 -0.95 3.81
C VAL A 122 3.04 -0.07 2.70
N GLY A 123 1.89 0.55 2.94
CA GLY A 123 1.29 1.40 1.94
C GLY A 123 0.84 2.71 2.55
N LEU A 124 0.62 3.71 1.71
CA LEU A 124 0.17 5.00 2.19
C LEU A 124 -0.93 5.50 1.27
N SER A 125 -1.90 6.19 1.85
CA SER A 125 -2.99 6.74 1.06
C SER A 125 -3.60 5.63 0.19
N MET A 126 -3.49 5.73 -1.13
CA MET A 126 -4.06 4.70 -1.99
C MET A 126 -3.73 3.27 -1.56
N SER A 127 -2.43 3.01 -1.36
CA SER A 127 -1.97 1.67 -0.99
C SER A 127 -2.06 1.33 0.50
N GLY A 128 -2.61 2.23 1.30
CA GLY A 128 -2.75 1.94 2.72
C GLY A 128 -3.68 0.75 2.85
N GLY A 129 -4.84 0.83 2.19
CA GLY A 129 -5.78 -0.26 2.25
C GLY A 129 -5.21 -1.49 1.54
N SER A 130 -4.46 -1.26 0.47
CA SER A 130 -3.86 -2.35 -0.30
C SER A 130 -2.99 -3.23 0.60
N ALA A 131 -2.16 -2.59 1.42
CA ALA A 131 -1.28 -3.33 2.31
C ALA A 131 -2.06 -4.24 3.25
N LEU A 132 -3.13 -3.71 3.84
CA LEU A 132 -3.95 -4.49 4.75
C LEU A 132 -4.68 -5.63 4.03
N ILE A 133 -5.07 -5.39 2.77
CA ILE A 133 -5.75 -6.41 2.00
C ILE A 133 -4.78 -7.52 1.65
N LEU A 134 -3.56 -7.14 1.26
CA LEU A 134 -2.54 -8.12 0.93
C LEU A 134 -2.30 -9.03 2.13
N ALA A 135 -2.23 -8.43 3.32
CA ALA A 135 -2.00 -9.21 4.54
C ALA A 135 -3.24 -10.03 4.88
N ALA A 136 -4.41 -9.47 4.63
CA ALA A 136 -5.66 -10.16 4.93
C ALA A 136 -5.81 -11.45 4.13
N TYR A 137 -5.46 -11.40 2.85
CA TYR A 137 -5.58 -12.57 1.99
C TYR A 137 -4.32 -13.41 1.84
N TYR A 138 -3.17 -12.82 2.17
CA TYR A 138 -1.91 -13.53 2.05
C TYR A 138 -1.10 -13.41 3.34
N PRO A 139 -1.66 -13.88 4.46
CA PRO A 139 -0.99 -13.81 5.77
C PRO A 139 0.41 -14.41 5.83
N GLN A 140 0.63 -15.48 5.06
CA GLN A 140 1.94 -16.12 5.04
C GLN A 140 2.99 -15.19 4.46
N GLN A 141 2.62 -14.51 3.39
CA GLN A 141 3.55 -13.58 2.75
C GLN A 141 3.68 -12.31 3.55
N PHE A 142 2.59 -11.87 4.16
CA PHE A 142 2.59 -10.64 4.94
C PHE A 142 2.05 -10.73 6.37
N PRO A 143 2.88 -11.19 7.31
CA PRO A 143 2.42 -11.27 8.71
C PRO A 143 2.40 -9.86 9.31
N TYR A 144 2.89 -8.91 8.53
CA TYR A 144 2.96 -7.51 8.96
C TYR A 144 2.45 -6.59 7.85
N ALA A 145 1.60 -5.64 8.23
CA ALA A 145 1.07 -4.68 7.27
C ALA A 145 0.88 -3.33 7.93
N ALA A 146 1.25 -2.28 7.22
CA ALA A 146 1.10 -0.92 7.72
C ALA A 146 0.30 -0.10 6.74
N SER A 147 -0.62 0.69 7.26
CA SER A 147 -1.44 1.57 6.45
C SER A 147 -1.25 2.99 6.96
N LEU A 148 -0.72 3.84 6.09
CA LEU A 148 -0.49 5.23 6.46
C LEU A 148 -1.47 6.10 5.69
N SER A 149 -2.42 6.70 6.42
CA SER A 149 -3.44 7.54 5.80
C SER A 149 -4.17 6.78 4.70
N GLY A 150 -4.53 5.52 4.98
CA GLY A 150 -5.21 4.72 4.00
C GLY A 150 -6.72 4.87 4.01
N PHE A 151 -7.36 4.41 2.93
CA PHE A 151 -8.80 4.48 2.81
C PHE A 151 -9.25 3.07 3.20
N LEU A 152 -9.58 2.91 4.48
CA LEU A 152 -9.92 1.62 5.04
C LEU A 152 -11.36 1.10 5.02
N ASN A 153 -12.24 1.73 4.25
CA ASN A 153 -13.62 1.27 4.15
C ASN A 153 -14.09 1.71 2.76
N PRO A 154 -13.33 1.33 1.71
CA PRO A 154 -13.64 1.68 0.32
C PRO A 154 -15.02 1.38 -0.22
N SER A 155 -15.69 0.37 0.34
CA SER A 155 -17.02 0.00 -0.14
C SER A 155 -18.15 0.77 0.54
N GLU A 156 -17.83 1.51 1.59
CA GLU A 156 -18.87 2.21 2.36
C GLU A 156 -19.19 3.65 1.97
N SER A 157 -20.50 3.91 1.91
CA SER A 157 -21.05 5.24 1.61
C SER A 157 -20.40 6.03 0.48
N TRP A 158 -19.71 7.11 0.84
CA TRP A 158 -19.05 7.98 -0.15
C TRP A 158 -17.77 7.44 -0.75
N TRP A 159 -17.14 6.48 -0.08
CA TRP A 159 -15.86 5.97 -0.56
C TRP A 159 -15.77 5.50 -2.00
N PRO A 160 -16.73 4.69 -2.47
CA PRO A 160 -16.60 4.26 -3.87
C PRO A 160 -16.56 5.45 -4.82
N THR A 161 -17.36 6.46 -4.52
CA THR A 161 -17.40 7.66 -5.35
C THR A 161 -16.10 8.45 -5.23
N LEU A 162 -15.65 8.68 -4.01
CA LEU A 162 -14.41 9.43 -3.79
C LEU A 162 -13.22 8.74 -4.43
N ILE A 163 -13.20 7.42 -4.32
CA ILE A 163 -12.10 6.64 -4.90
C ILE A 163 -12.16 6.74 -6.41
N GLY A 164 -13.37 6.69 -6.96
CA GLY A 164 -13.53 6.79 -8.40
C GLY A 164 -13.09 8.17 -8.88
N LEU A 165 -13.38 9.19 -8.07
CA LEU A 165 -12.99 10.55 -8.41
C LEU A 165 -11.47 10.69 -8.39
N ALA A 166 -10.83 10.14 -7.36
CA ALA A 166 -9.39 10.22 -7.25
C ALA A 166 -8.71 9.50 -8.41
N MET A 167 -9.19 8.29 -8.71
CA MET A 167 -8.61 7.52 -9.80
C MET A 167 -8.76 8.23 -11.14
N ASN A 168 -9.89 8.87 -11.36
CA ASN A 168 -10.11 9.58 -12.61
C ASN A 168 -9.15 10.77 -12.67
N ASP A 169 -8.98 11.44 -11.53
CA ASP A 169 -8.10 12.59 -11.46
C ASP A 169 -6.64 12.18 -11.61
N SER A 170 -6.36 10.91 -11.36
CA SER A 170 -4.99 10.41 -11.48
C SER A 170 -4.84 9.47 -12.66
N GLY A 171 -4.65 10.04 -13.85
CA GLY A 171 -4.48 9.24 -15.04
C GLY A 171 -5.75 8.81 -15.73
N GLY A 172 -6.88 9.36 -15.28
CA GLY A 172 -8.15 9.04 -15.88
C GLY A 172 -8.58 7.59 -15.77
N TYR A 173 -8.18 6.91 -14.69
CA TYR A 173 -8.55 5.51 -14.50
C TYR A 173 -9.98 5.37 -14.04
N ASN A 174 -10.58 4.23 -14.40
CA ASN A 174 -11.96 3.94 -14.08
C ASN A 174 -12.16 2.92 -12.96
N ALA A 175 -12.64 3.39 -11.82
CA ALA A 175 -12.87 2.51 -10.67
C ALA A 175 -13.84 1.38 -11.01
N ASN A 176 -14.72 1.61 -11.98
CA ASN A 176 -15.68 0.59 -12.38
C ASN A 176 -14.98 -0.56 -13.10
N SER A 177 -13.92 -0.23 -13.84
CA SER A 177 -13.16 -1.25 -14.55
C SER A 177 -12.33 -2.05 -13.55
N MET A 178 -12.08 -1.45 -12.39
CA MET A 178 -11.28 -2.10 -11.36
C MET A 178 -12.10 -3.11 -10.56
N TRP A 179 -13.09 -2.63 -9.81
CA TRP A 179 -13.91 -3.49 -8.99
C TRP A 179 -15.40 -3.49 -9.37
N GLY A 180 -15.71 -2.99 -10.56
CA GLY A 180 -17.09 -2.94 -11.04
C GLY A 180 -17.89 -1.86 -10.34
N PRO A 181 -19.23 -1.88 -10.48
CA PRO A 181 -20.05 -0.87 -9.82
C PRO A 181 -19.90 -1.07 -8.31
N SER A 182 -20.22 -0.06 -7.52
CA SER A 182 -20.05 -0.18 -6.07
C SER A 182 -20.80 -1.35 -5.45
N SER A 183 -21.82 -1.87 -6.15
CA SER A 183 -22.59 -2.99 -5.65
C SER A 183 -21.88 -4.32 -5.87
N ASP A 184 -20.83 -4.31 -6.68
CA ASP A 184 -20.07 -5.52 -6.99
C ASP A 184 -19.34 -6.01 -5.75
N PRO A 185 -19.32 -7.34 -5.53
CA PRO A 185 -18.64 -7.88 -4.34
C PRO A 185 -17.15 -7.53 -4.22
N ALA A 186 -16.54 -7.20 -5.34
CA ALA A 186 -15.12 -6.84 -5.35
C ALA A 186 -14.84 -5.67 -4.40
N TRP A 187 -15.80 -4.77 -4.25
CA TRP A 187 -15.59 -3.64 -3.35
C TRP A 187 -15.44 -4.08 -1.89
N LYS A 188 -16.30 -5.00 -1.46
CA LYS A 188 -16.21 -5.49 -0.09
C LYS A 188 -15.02 -6.43 0.09
N ARG A 189 -14.72 -7.19 -0.96
CA ARG A 189 -13.59 -8.12 -0.94
C ARG A 189 -12.31 -7.35 -0.64
N ASN A 190 -12.20 -6.17 -1.22
CA ASN A 190 -11.01 -5.35 -1.04
C ASN A 190 -11.18 -4.24 -0.02
N ASP A 191 -12.12 -4.42 0.90
CA ASP A 191 -12.37 -3.43 1.93
C ASP A 191 -11.74 -3.87 3.26
N PRO A 192 -10.67 -3.19 3.71
CA PRO A 192 -10.00 -3.56 4.96
C PRO A 192 -10.97 -3.70 6.14
N MET A 193 -11.88 -2.74 6.27
CA MET A 193 -12.87 -2.77 7.35
C MET A 193 -13.64 -4.08 7.32
N VAL A 194 -14.16 -4.43 6.14
CA VAL A 194 -14.92 -5.65 5.97
C VAL A 194 -14.05 -6.89 6.20
N GLN A 195 -12.77 -6.78 5.88
CA GLN A 195 -11.86 -7.90 6.05
C GLN A 195 -11.15 -7.96 7.40
N ILE A 196 -11.57 -7.14 8.34
CA ILE A 196 -10.95 -7.15 9.67
C ILE A 196 -10.94 -8.56 10.28
N PRO A 197 -12.03 -9.32 10.13
CA PRO A 197 -12.03 -10.67 10.69
C PRO A 197 -10.81 -11.48 10.23
N ARG A 198 -10.37 -11.26 9.00
CA ARG A 198 -9.19 -11.97 8.49
C ARG A 198 -7.94 -11.51 9.23
N LEU A 199 -7.78 -10.20 9.37
CA LEU A 199 -6.62 -9.64 10.05
C LEU A 199 -6.54 -10.14 11.49
N VAL A 200 -7.70 -10.27 12.12
CA VAL A 200 -7.76 -10.75 13.49
C VAL A 200 -7.40 -12.24 13.55
N ALA A 201 -8.06 -13.02 12.71
CA ALA A 201 -7.83 -14.46 12.65
C ALA A 201 -6.37 -14.81 12.38
N ASN A 202 -5.73 -14.09 11.47
CA ASN A 202 -4.33 -14.38 11.14
C ASN A 202 -3.35 -13.68 12.09
N ASN A 203 -3.89 -12.97 13.08
CA ASN A 203 -3.09 -12.25 14.05
C ASN A 203 -2.06 -11.36 13.37
N THR A 204 -2.47 -10.77 12.26
CA THR A 204 -1.60 -9.89 11.49
C THR A 204 -1.15 -8.73 12.38
N ARG A 205 0.13 -8.38 12.29
CA ARG A 205 0.63 -7.25 13.06
C ARG A 205 0.32 -6.06 12.15
N ILE A 206 -0.55 -5.18 12.60
CA ILE A 206 -0.90 -4.03 11.77
C ILE A 206 -0.50 -2.71 12.40
N TRP A 207 0.04 -1.84 11.58
CA TRP A 207 0.47 -0.52 12.01
C TRP A 207 -0.41 0.44 11.23
N VAL A 208 -1.29 1.14 11.93
CA VAL A 208 -2.20 2.05 11.29
C VAL A 208 -1.99 3.50 11.71
N TYR A 209 -1.63 4.32 10.75
CA TYR A 209 -1.42 5.74 11.00
C TYR A 209 -2.40 6.55 10.20
N CYS A 210 -2.69 7.75 10.70
CA CYS A 210 -3.56 8.66 9.99
C CYS A 210 -3.30 10.05 10.55
N GLY A 211 -3.01 10.98 9.66
CA GLY A 211 -2.77 12.34 10.08
C GLY A 211 -4.09 13.08 9.97
N ASN A 212 -4.03 14.40 9.92
CA ASN A 212 -5.23 15.21 9.79
C ASN A 212 -4.87 16.62 9.33
N GLY A 213 -5.77 17.25 8.60
CA GLY A 213 -5.50 18.59 8.12
C GLY A 213 -5.41 18.68 6.62
N THR A 214 -5.69 19.87 6.10
CA THR A 214 -5.63 20.12 4.67
C THR A 214 -5.11 21.53 4.43
N PRO A 215 -4.44 21.76 3.30
CA PRO A 215 -4.16 20.73 2.28
C PRO A 215 -3.00 19.83 2.70
N SER A 216 -2.74 18.81 1.90
CA SER A 216 -1.66 17.87 2.19
C SER A 216 -1.33 17.10 0.92
N ASP A 217 -0.53 16.05 1.04
CA ASP A 217 -0.19 15.24 -0.13
C ASP A 217 -1.37 14.36 -0.48
N LEU A 218 -2.38 14.36 0.38
CA LEU A 218 -3.58 13.58 0.18
C LEU A 218 -4.54 14.38 -0.71
N GLY A 219 -4.45 15.71 -0.59
CA GLY A 219 -5.31 16.60 -1.36
C GLY A 219 -5.47 17.90 -0.59
N GLY A 220 -6.69 18.19 -0.15
CA GLY A 220 -6.94 19.40 0.61
C GLY A 220 -7.86 20.42 -0.04
N ASP A 221 -7.25 21.52 -0.50
CA ASP A 221 -7.97 22.62 -1.16
C ASP A 221 -9.49 22.70 -1.00
N ASN A 222 -10.20 22.53 -2.10
CA ASN A 222 -11.67 22.61 -2.12
C ASN A 222 -12.43 21.77 -1.11
N ILE A 223 -13.74 21.98 -1.08
CA ILE A 223 -14.64 21.29 -0.17
C ILE A 223 -14.62 19.76 -0.36
N PRO A 224 -14.61 19.29 -1.61
CA PRO A 224 -14.59 17.84 -1.86
C PRO A 224 -13.35 17.17 -1.27
N ALA A 225 -12.18 17.77 -1.53
CA ALA A 225 -10.93 17.23 -1.02
C ALA A 225 -10.90 17.29 0.50
N LYS A 226 -11.47 18.36 1.07
CA LYS A 226 -11.53 18.50 2.52
C LYS A 226 -12.38 17.39 3.09
N PHE A 227 -13.51 17.12 2.43
CA PHE A 227 -14.41 16.07 2.88
C PHE A 227 -13.68 14.73 2.88
N LEU A 228 -12.92 14.47 1.82
CA LEU A 228 -12.16 13.24 1.70
C LEU A 228 -11.17 13.08 2.85
N GLU A 229 -10.42 14.15 3.14
CA GLU A 229 -9.44 14.11 4.21
C GLU A 229 -10.13 13.85 5.55
N GLY A 230 -11.26 14.52 5.77
CA GLY A 230 -11.98 14.32 7.02
C GLY A 230 -12.51 12.92 7.13
N LEU A 231 -13.05 12.40 6.02
CA LEU A 231 -13.59 11.05 6.01
C LEU A 231 -12.48 10.03 6.21
N THR A 232 -11.29 10.34 5.70
CA THR A 232 -10.15 9.44 5.85
C THR A 232 -9.83 9.22 7.32
N LEU A 233 -9.76 10.30 8.08
CA LEU A 233 -9.46 10.18 9.50
C LEU A 233 -10.57 9.45 10.24
N ARG A 234 -11.81 9.88 10.03
CA ARG A 234 -12.95 9.24 10.70
C ARG A 234 -13.03 7.76 10.41
N THR A 235 -12.78 7.40 9.16
CA THR A 235 -12.83 6.00 8.75
C THR A 235 -11.69 5.22 9.40
N ASN A 236 -10.53 5.87 9.55
CA ASN A 236 -9.41 5.21 10.20
C ASN A 236 -9.75 4.99 11.68
N GLN A 237 -10.44 5.96 12.27
CA GLN A 237 -10.82 5.84 13.68
C GLN A 237 -11.85 4.71 13.83
N THR A 238 -12.78 4.64 12.87
CA THR A 238 -13.79 3.58 12.90
C THR A 238 -13.11 2.23 12.69
N PHE A 239 -12.08 2.21 11.85
CA PHE A 239 -11.36 0.96 11.60
C PHE A 239 -10.74 0.48 12.91
N ARG A 240 -10.09 1.38 13.63
CA ARG A 240 -9.47 1.03 14.90
C ARG A 240 -10.52 0.49 15.88
N ASP A 241 -11.65 1.17 15.96
CA ASP A 241 -12.73 0.77 16.85
C ASP A 241 -13.29 -0.59 16.47
N THR A 242 -13.47 -0.81 15.17
CA THR A 242 -14.02 -2.06 14.68
C THR A 242 -13.03 -3.21 14.88
N TYR A 243 -11.75 -2.92 14.64
CA TYR A 243 -10.69 -3.91 14.81
C TYR A 243 -10.73 -4.39 16.27
N ALA A 244 -10.82 -3.43 17.18
CA ALA A 244 -10.87 -3.75 18.61
C ALA A 244 -12.16 -4.53 18.92
N ALA A 245 -13.28 -4.05 18.40
CA ALA A 245 -14.56 -4.70 18.62
C ALA A 245 -14.58 -6.14 18.10
N ASP A 246 -13.84 -6.39 17.02
CA ASP A 246 -13.79 -7.72 16.42
C ASP A 246 -12.74 -8.64 17.03
N GLY A 247 -12.10 -8.20 18.11
CA GLY A 247 -11.10 -9.04 18.76
C GLY A 247 -9.65 -8.80 18.38
N GLY A 248 -9.39 -7.76 17.60
CA GLY A 248 -8.02 -7.46 17.21
C GLY A 248 -7.18 -7.04 18.40
N ARG A 249 -5.96 -7.55 18.48
CA ARG A 249 -5.07 -7.23 19.60
C ARG A 249 -3.61 -7.08 19.20
N ASN A 250 -3.35 -6.99 17.90
CA ASN A 250 -1.97 -6.89 17.44
C ASN A 250 -1.77 -5.70 16.52
N GLY A 251 -2.34 -4.57 16.93
CA GLY A 251 -2.20 -3.38 16.12
C GLY A 251 -1.61 -2.21 16.87
N VAL A 252 -1.00 -1.31 16.11
CA VAL A 252 -0.44 -0.09 16.65
C VAL A 252 -1.24 0.98 15.94
N PHE A 253 -1.93 1.82 16.70
CA PHE A 253 -2.74 2.87 16.09
C PHE A 253 -2.19 4.22 16.44
N ASN A 254 -1.66 4.91 15.42
CA ASN A 254 -1.05 6.21 15.60
C ASN A 254 -1.88 7.33 15.00
N PHE A 255 -2.53 8.10 15.87
CA PHE A 255 -3.36 9.21 15.44
C PHE A 255 -2.90 10.50 16.12
N PRO A 256 -1.62 10.86 15.95
CA PRO A 256 -1.11 12.08 16.57
C PRO A 256 -1.85 13.30 15.99
N PRO A 257 -2.40 14.16 16.87
CA PRO A 257 -3.13 15.34 16.42
C PRO A 257 -2.36 16.20 15.41
N ASN A 258 -1.03 16.28 15.58
CA ASN A 258 -0.21 17.09 14.67
C ASN A 258 0.31 16.31 13.47
N GLY A 259 -0.06 15.04 13.37
CA GLY A 259 0.39 14.25 12.23
C GLY A 259 -0.32 14.73 10.98
N THR A 260 0.40 14.71 9.85
CA THR A 260 -0.19 15.16 8.60
C THR A 260 -0.15 14.05 7.56
N HIS A 261 -0.88 14.25 6.46
CA HIS A 261 -0.90 13.29 5.37
C HIS A 261 0.18 13.79 4.41
N SER A 262 1.43 13.60 4.78
CA SER A 262 2.55 14.06 3.98
C SER A 262 3.72 13.08 4.04
N TRP A 263 4.56 13.10 3.01
CA TRP A 263 5.71 12.20 2.98
C TRP A 263 6.61 12.34 4.19
N PRO A 264 6.77 13.56 4.73
CA PRO A 264 7.65 13.66 5.90
C PRO A 264 7.11 12.83 7.07
N TYR A 265 5.80 12.89 7.29
CA TYR A 265 5.21 12.13 8.38
C TYR A 265 5.09 10.66 8.05
N TRP A 266 4.80 10.33 6.79
CA TRP A 266 4.71 8.93 6.41
C TRP A 266 6.08 8.30 6.54
N ASN A 267 7.13 9.08 6.26
CA ASN A 267 8.49 8.57 6.40
C ASN A 267 8.79 8.38 7.88
N GLU A 268 8.34 9.34 8.69
CA GLU A 268 8.55 9.28 10.13
C GLU A 268 7.92 7.99 10.67
N GLN A 269 6.76 7.63 10.11
CA GLN A 269 6.08 6.40 10.52
C GLN A 269 6.86 5.18 10.05
N LEU A 270 7.41 5.24 8.84
CA LEU A 270 8.19 4.14 8.29
C LEU A 270 9.39 3.88 9.20
N VAL A 271 10.04 4.94 9.65
CA VAL A 271 11.19 4.80 10.53
C VAL A 271 10.75 4.27 11.89
N ALA A 272 9.65 4.83 12.41
CA ALA A 272 9.13 4.43 13.71
C ALA A 272 8.73 2.96 13.77
N MET A 273 8.25 2.44 12.65
CA MET A 273 7.82 1.05 12.60
C MET A 273 8.97 0.08 12.34
N LYS A 274 10.14 0.60 11.97
CA LYS A 274 11.27 -0.29 11.69
C LYS A 274 11.55 -1.29 12.79
N ALA A 275 11.69 -0.82 14.02
CA ALA A 275 11.95 -1.73 15.14
C ALA A 275 10.82 -2.74 15.24
N ASP A 276 9.59 -2.29 15.03
CA ASP A 276 8.42 -3.17 15.12
C ASP A 276 8.49 -4.29 14.07
N ILE A 277 8.83 -3.91 12.84
CA ILE A 277 8.94 -4.88 11.76
C ILE A 277 10.07 -5.87 12.04
N GLN A 278 11.24 -5.35 12.41
CA GLN A 278 12.37 -6.21 12.69
C GLN A 278 12.03 -7.25 13.76
N HIS A 279 11.37 -6.81 14.82
CA HIS A 279 11.01 -7.73 15.89
C HIS A 279 10.00 -8.77 15.43
N VAL A 280 9.02 -8.34 14.64
CA VAL A 280 7.99 -9.25 14.15
C VAL A 280 8.51 -10.19 13.07
N LEU A 281 9.29 -9.66 12.13
CA LEU A 281 9.81 -10.46 11.03
C LEU A 281 11.11 -11.22 11.31
N ASN A 282 12.00 -10.64 12.11
CA ASN A 282 13.28 -11.28 12.40
C ASN A 282 13.48 -11.59 13.87
N GLY A 283 12.48 -11.29 14.69
CA GLY A 283 12.60 -11.54 16.12
C GLY A 283 12.72 -13.02 16.43
#